data_8P6G
#
_entry.id   8P6G
#
_cell.length_a   65.736
_cell.length_b   65.736
_cell.length_c   315.036
_cell.angle_alpha   90.00
_cell.angle_beta   90.00
_cell.angle_gamma   120.00
#
_symmetry.space_group_name_H-M   'P 65'
#
loop_
_entity.id
_entity.type
_entity.pdbx_description
1 polymer 'Genetically Encoded Green Calcium Indicator YTnC2-5 based on Troponin C from toadfish'
2 non-polymer DI(HYDROXYETHYL)ETHER
3 water water
#
_entity_poly.entity_id   1
_entity_poly.type   'polypeptide(L)'
_entity_poly.pdbx_seq_one_letter_code
;HMRSMVSKGEELFTGVVPILVEMVGDVNGHRFSVSGEGEGIATYGMLTLKLICTTGELPVPWPTLVTTL(CRO)MACFAR
YPDHMKQHDFFKSAMPEGYVQERTIFFKDDGYYKTRAEVKFEGDTLVNRIELKGFDFREDGNILGHKLGYNFDLSEEELT
ESFRTFDKDGDGFIDREEFGGIIRLTGEQLTDEDSDEIFGDSDTDKNGRIDFGEFLKMVENVRGINSHSVYITADKQKNG
VKAHFEIRHNLEDGSVQLADHYQQNTPIGDGPVLLPDNHYLRHQSALSKDPNEKRDHMVLQEFVTAAGITHGMDELYK
;
_entity_poly.pdbx_strand_id   B,D
#
# COMPACT_ATOMS: atom_id res chain seq x y z
N VAL A 6 -25.92 7.97 -4.04
CA VAL A 6 -27.39 7.71 -4.04
C VAL A 6 -27.98 8.06 -2.68
N SER A 7 -27.45 7.42 -1.62
CA SER A 7 -27.92 7.61 -0.25
C SER A 7 -27.43 8.95 0.34
N LYS A 8 -28.03 9.34 1.49
CA LYS A 8 -27.88 10.67 2.08
C LYS A 8 -26.42 11.11 2.12
N GLY A 9 -26.15 12.27 1.49
CA GLY A 9 -24.88 12.93 1.69
C GLY A 9 -23.72 12.40 0.83
N GLU A 10 -23.98 11.47 -0.14
CA GLU A 10 -22.94 10.92 -1.01
C GLU A 10 -22.51 11.93 -2.07
N GLU A 11 -23.50 12.64 -2.67
CA GLU A 11 -23.22 13.55 -3.78
C GLU A 11 -22.30 14.70 -3.36
N LEU A 12 -22.30 15.05 -2.05
CA LEU A 12 -21.43 16.05 -1.45
C LEU A 12 -19.96 15.66 -1.48
N PHE A 13 -19.65 14.39 -1.66
CA PHE A 13 -18.27 13.92 -1.61
C PHE A 13 -17.70 13.66 -3.01
N THR A 14 -18.49 13.88 -4.07
CA THR A 14 -18.25 13.23 -5.36
C THR A 14 -16.93 13.62 -6.02
N GLY A 15 -16.40 14.83 -5.82
CA GLY A 15 -15.13 15.19 -6.48
C GLY A 15 -14.02 15.51 -5.47
N VAL A 16 -13.54 16.75 -5.51
CA VAL A 16 -12.48 17.26 -4.64
C VAL A 16 -13.10 18.29 -3.70
N VAL A 17 -13.10 18.01 -2.39
CA VAL A 17 -13.80 18.78 -1.41
C VAL A 17 -12.71 19.55 -0.64
N PRO A 18 -12.77 20.91 -0.53
CA PRO A 18 -11.76 21.68 0.20
C PRO A 18 -12.02 21.46 1.69
N ILE A 19 -10.93 21.37 2.46
CA ILE A 19 -10.96 21.16 3.88
C ILE A 19 -10.44 22.41 4.62
N LEU A 20 -11.10 22.70 5.73
CA LEU A 20 -10.60 23.60 6.76
C LEU A 20 -10.62 22.87 8.10
N VAL A 21 -9.45 22.90 8.77
CA VAL A 21 -9.25 22.41 10.11
C VAL A 21 -8.86 23.60 11.03
N GLU A 22 -9.56 23.69 12.17
CA GLU A 22 -9.19 24.66 13.18
C GLU A 22 -9.15 23.95 14.52
N MET A 23 -8.08 24.24 15.26
CA MET A 23 -7.92 23.62 16.56
C MET A 23 -7.35 24.63 17.57
N VAL A 24 -7.90 24.57 18.81
CA VAL A 24 -7.36 25.27 19.97
C VAL A 24 -7.14 24.23 21.06
N GLY A 25 -6.06 24.38 21.80
CA GLY A 25 -5.59 23.36 22.71
C GLY A 25 -4.95 23.91 23.97
N ASP A 26 -5.00 23.10 25.02
CA ASP A 26 -4.43 23.43 26.31
C ASP A 26 -4.06 22.10 26.96
N VAL A 27 -2.76 21.83 26.99
CA VAL A 27 -2.18 20.62 27.55
C VAL A 27 -1.25 21.01 28.69
N ASN A 28 -1.60 20.61 29.92
CA ASN A 28 -0.95 21.05 31.15
C ASN A 28 -0.88 22.58 31.33
N GLY A 29 -1.79 23.37 30.74
CA GLY A 29 -1.66 24.83 30.72
C GLY A 29 -0.86 25.40 29.53
N HIS A 30 -0.19 24.56 28.72
CA HIS A 30 0.50 25.05 27.55
C HIS A 30 -0.51 25.24 26.43
N ARG A 31 -0.79 26.53 26.14
CA ARG A 31 -1.81 26.91 25.18
C ARG A 31 -1.24 26.91 23.77
N PHE A 32 -2.07 26.53 22.78
CA PHE A 32 -1.66 26.51 21.39
C PHE A 32 -2.89 26.51 20.45
N SER A 33 -2.69 27.02 19.23
CA SER A 33 -3.64 26.90 18.12
C SER A 33 -3.01 26.20 16.92
N VAL A 34 -3.80 25.40 16.20
CA VAL A 34 -3.46 24.88 14.88
C VAL A 34 -4.57 25.20 13.85
N SER A 35 -4.19 25.79 12.70
CA SER A 35 -5.06 25.93 11.54
C SER A 35 -4.52 25.11 10.37
N GLY A 36 -5.37 24.87 9.36
CA GLY A 36 -4.97 24.11 8.19
C GLY A 36 -6.06 23.92 7.15
N GLU A 37 -5.57 23.54 5.97
CA GLU A 37 -6.34 23.46 4.74
C GLU A 37 -5.76 22.32 3.92
N GLY A 38 -6.55 21.88 2.95
CA GLY A 38 -6.21 20.77 2.08
C GLY A 38 -7.47 20.26 1.42
N GLU A 39 -7.53 18.95 1.11
CA GLU A 39 -8.54 18.39 0.22
C GLU A 39 -8.91 16.97 0.66
N GLY A 40 -10.22 16.67 0.65
CA GLY A 40 -10.68 15.30 0.81
C GLY A 40 -11.21 14.79 -0.52
N ILE A 41 -10.87 13.54 -0.85
CA ILE A 41 -11.40 12.87 -2.04
C ILE A 41 -11.91 11.51 -1.56
N ALA A 42 -13.23 11.46 -1.25
CA ALA A 42 -13.86 10.22 -0.85
C ALA A 42 -13.75 9.13 -1.91
N THR A 43 -13.69 9.46 -3.22
CA THR A 43 -13.66 8.45 -4.28
C THR A 43 -12.34 7.64 -4.21
N TYR A 44 -11.28 8.24 -3.63
CA TYR A 44 -9.99 7.62 -3.42
C TYR A 44 -9.83 7.11 -1.99
N GLY A 45 -10.77 7.41 -1.09
CA GLY A 45 -10.52 7.31 0.33
C GLY A 45 -9.31 8.14 0.75
N MET A 46 -9.01 9.27 0.08
CA MET A 46 -7.79 10.03 0.34
C MET A 46 -8.08 11.39 0.99
N LEU A 47 -7.15 11.79 1.88
CA LEU A 47 -7.07 13.04 2.61
C LEU A 47 -5.64 13.60 2.54
N THR A 48 -5.48 14.92 2.32
CA THR A 48 -4.20 15.63 2.35
C THR A 48 -4.42 16.98 3.08
N LEU A 49 -3.54 17.29 4.06
CA LEU A 49 -3.61 18.52 4.84
C LEU A 49 -2.23 19.13 5.04
N LYS A 50 -2.22 20.44 5.29
CA LYS A 50 -1.07 21.10 5.86
C LYS A 50 -1.61 21.87 7.04
N LEU A 51 -1.09 21.53 8.21
CA LEU A 51 -1.59 22.01 9.48
C LEU A 51 -0.42 22.81 10.06
N ILE A 52 -0.68 24.02 10.59
CA ILE A 52 0.37 24.89 11.08
C ILE A 52 0.09 25.24 12.54
N CYS A 53 1.16 25.27 13.35
CA CYS A 53 1.02 25.79 14.69
C CYS A 53 1.21 27.31 14.61
N THR A 54 0.14 28.07 14.79
CA THR A 54 0.09 29.50 14.50
C THR A 54 0.59 30.32 15.69
N THR A 55 0.81 29.67 16.85
CA THR A 55 1.30 30.33 18.05
C THR A 55 2.81 30.13 18.25
N GLY A 56 3.51 29.41 17.36
CA GLY A 56 4.92 29.09 17.56
C GLY A 56 5.17 27.58 17.62
N GLU A 57 5.88 27.12 18.65
CA GLU A 57 6.32 25.73 18.70
C GLU A 57 5.18 24.89 19.27
N LEU A 58 4.80 23.82 18.59
CA LEU A 58 3.78 22.92 19.14
C LEU A 58 4.33 22.28 20.42
N PRO A 59 3.59 22.32 21.54
CA PRO A 59 4.11 21.81 22.82
C PRO A 59 3.93 20.29 23.06
N VAL A 60 3.19 19.60 22.18
CA VAL A 60 3.09 18.15 22.14
C VAL A 60 3.75 17.69 20.83
N PRO A 61 4.05 16.39 20.60
CA PRO A 61 4.56 15.98 19.28
C PRO A 61 3.42 15.89 18.25
N TRP A 62 3.67 16.43 17.04
CA TRP A 62 2.73 16.38 15.94
C TRP A 62 2.12 15.00 15.74
N PRO A 63 2.85 13.84 15.84
CA PRO A 63 2.20 12.55 15.68
C PRO A 63 1.01 12.31 16.62
N THR A 64 1.04 12.89 17.83
CA THR A 64 0.00 12.68 18.83
C THR A 64 -1.34 13.32 18.43
N LEU A 65 -1.35 14.31 17.50
CA LEU A 65 -2.56 14.98 17.02
C LEU A 65 -3.09 14.45 15.68
N VAL A 66 -2.36 13.49 15.05
CA VAL A 66 -2.74 13.00 13.75
C VAL A 66 -4.20 12.52 13.80
N THR A 67 -4.51 11.63 14.75
CA THR A 67 -5.89 11.12 14.85
C THR A 67 -6.90 12.24 15.09
N THR A 68 -6.53 13.31 15.80
CA THR A 68 -7.47 14.40 16.11
C THR A 68 -7.72 15.27 14.88
N LEU A 69 -6.65 15.66 14.18
CA LEU A 69 -6.71 16.54 13.03
C LEU A 69 -7.32 15.76 11.85
N MET A 71 -11.19 12.98 10.12
CA MET A 71 -12.28 13.10 9.10
C MET A 71 -12.61 11.75 8.43
N ALA A 72 -13.36 10.87 9.12
CA ALA A 72 -13.68 9.54 8.59
C ALA A 72 -14.64 9.63 7.39
N CYS A 73 -15.37 10.76 7.22
CA CYS A 73 -16.14 11.07 5.99
C CYS A 73 -15.39 10.98 4.68
N PHE A 74 -14.03 11.09 4.65
CA PHE A 74 -13.27 10.97 3.41
C PHE A 74 -12.81 9.55 3.11
N ALA A 75 -13.01 8.57 4.00
CA ALA A 75 -12.82 7.18 3.64
C ALA A 75 -13.73 6.78 2.48
N ARG A 76 -13.27 5.77 1.74
CA ARG A 76 -14.01 5.21 0.63
C ARG A 76 -14.64 3.89 1.09
N TYR A 77 -15.96 3.99 1.20
CA TYR A 77 -16.84 2.85 1.40
C TYR A 77 -17.16 2.19 0.03
N PRO A 78 -16.82 0.91 -0.16
CA PRO A 78 -17.25 0.15 -1.34
C PRO A 78 -18.76 0.05 -1.60
N ASP A 79 -19.13 -0.35 -2.82
CA ASP A 79 -20.55 -0.41 -3.16
C ASP A 79 -21.32 -1.33 -2.21
N HIS A 80 -20.76 -2.47 -1.76
CA HIS A 80 -21.51 -3.38 -0.88
C HIS A 80 -21.75 -2.77 0.51
N MET A 81 -21.08 -1.65 0.85
CA MET A 81 -21.06 -1.10 2.20
C MET A 81 -21.59 0.33 2.29
N LYS A 82 -22.11 0.91 1.21
CA LYS A 82 -22.57 2.31 1.27
C LYS A 82 -23.71 2.53 2.28
N GLN A 83 -24.48 1.49 2.64
CA GLN A 83 -25.48 1.58 3.69
C GLN A 83 -24.89 1.80 5.09
N HIS A 84 -23.64 1.38 5.35
CA HIS A 84 -22.98 1.52 6.65
C HIS A 84 -22.20 2.85 6.80
N ASP A 85 -22.24 3.77 5.83
CA ASP A 85 -21.45 5.00 5.93
C ASP A 85 -22.18 6.06 6.79
N PHE A 86 -22.03 5.90 8.12
CA PHE A 86 -22.54 6.83 9.13
C PHE A 86 -22.10 8.26 8.86
N PHE A 87 -20.83 8.45 8.43
CA PHE A 87 -20.15 9.76 8.47
C PHE A 87 -20.63 10.67 7.34
N LYS A 88 -20.74 10.14 6.12
CA LYS A 88 -21.40 10.84 5.02
C LYS A 88 -22.91 11.04 5.30
N SER A 89 -23.65 10.04 5.85
CA SER A 89 -25.10 10.12 6.10
C SER A 89 -25.48 11.29 7.00
N ALA A 90 -24.55 11.75 7.86
CA ALA A 90 -24.82 12.83 8.80
C ALA A 90 -24.66 14.21 8.16
N MET A 91 -24.25 14.25 6.87
CA MET A 91 -23.95 15.51 6.23
C MET A 91 -25.20 16.07 5.54
N PRO A 92 -25.36 17.40 5.32
CA PRO A 92 -24.34 18.41 5.59
C PRO A 92 -24.17 18.94 7.02
N GLU A 93 -25.15 18.68 7.90
CA GLU A 93 -25.21 19.22 9.26
C GLU A 93 -24.02 18.73 10.10
N GLY A 94 -23.63 17.47 9.89
CA GLY A 94 -22.37 16.94 10.39
C GLY A 94 -22.49 16.16 11.71
N TYR A 95 -21.35 16.05 12.41
CA TYR A 95 -21.26 15.20 13.57
C TYR A 95 -20.19 15.67 14.54
N VAL A 96 -20.48 15.40 15.81
CA VAL A 96 -19.57 15.69 16.88
C VAL A 96 -18.79 14.40 17.11
N GLN A 97 -17.45 14.52 17.01
CA GLN A 97 -16.49 13.45 17.25
C GLN A 97 -15.81 13.73 18.60
N GLU A 98 -15.94 12.81 19.56
CA GLU A 98 -15.40 13.00 20.89
C GLU A 98 -14.41 11.90 21.15
N ARG A 99 -13.22 12.26 21.64
CA ARG A 99 -12.31 11.22 22.10
C ARG A 99 -11.74 11.55 23.46
N THR A 100 -11.51 10.44 24.17
CA THR A 100 -10.50 10.32 25.19
C THR A 100 -9.28 9.57 24.66
N ILE A 101 -8.08 10.13 24.93
CA ILE A 101 -6.84 9.45 24.56
C ILE A 101 -5.96 9.37 25.81
N PHE A 102 -5.75 8.16 26.28
CA PHE A 102 -4.88 7.92 27.41
C PHE A 102 -3.48 7.56 26.95
N PHE A 103 -2.46 8.32 27.39
CA PHE A 103 -1.07 7.97 27.10
C PHE A 103 -0.54 7.21 28.30
N LYS A 104 0.03 6.02 28.06
CA LYS A 104 0.40 5.12 29.16
C LYS A 104 1.56 5.74 29.92
N ASP A 105 1.48 5.67 31.25
CA ASP A 105 2.38 6.31 32.22
C ASP A 105 2.61 7.79 31.95
N ASP A 106 1.60 8.48 31.42
CA ASP A 106 1.68 9.90 31.16
C ASP A 106 0.26 10.43 31.27
N GLY A 107 0.03 11.58 30.63
CA GLY A 107 -1.24 12.26 30.68
C GLY A 107 -2.25 11.75 29.66
N TYR A 108 -3.32 12.52 29.47
CA TYR A 108 -4.35 12.19 28.49
C TYR A 108 -4.91 13.44 27.78
N TYR A 109 -5.46 13.27 26.57
CA TYR A 109 -6.26 14.28 25.89
C TYR A 109 -7.78 14.01 25.97
N LYS A 110 -8.56 15.08 26.08
CA LYS A 110 -9.98 15.10 25.83
C LYS A 110 -10.24 15.96 24.60
N THR A 111 -10.99 15.45 23.61
CA THR A 111 -11.15 16.14 22.35
C THR A 111 -12.63 16.15 21.96
N ARG A 112 -13.06 17.26 21.32
CA ARG A 112 -14.41 17.50 20.82
C ARG A 112 -14.32 18.35 19.56
N ALA A 113 -14.87 17.78 18.50
CA ALA A 113 -14.74 18.35 17.18
C ALA A 113 -16.12 18.28 16.53
N GLU A 114 -16.38 19.26 15.65
CA GLU A 114 -17.53 19.29 14.80
C GLU A 114 -17.08 19.21 13.35
N VAL A 115 -17.45 18.14 12.67
CA VAL A 115 -17.17 17.99 11.26
C VAL A 115 -18.45 18.31 10.45
N LYS A 116 -18.43 19.26 9.49
CA LYS A 116 -19.67 19.67 8.82
C LYS A 116 -19.35 20.50 7.58
N PHE A 117 -20.33 20.65 6.69
CA PHE A 117 -20.15 21.54 5.57
C PHE A 117 -20.48 22.96 6.00
N GLU A 118 -19.54 23.85 5.71
CA GLU A 118 -19.77 25.27 5.73
C GLU A 118 -19.73 25.70 4.27
N GLY A 119 -20.91 25.61 3.62
CA GLY A 119 -20.99 25.76 2.18
C GLY A 119 -20.23 24.64 1.49
N ASP A 120 -19.28 24.98 0.62
CA ASP A 120 -18.49 24.01 -0.12
C ASP A 120 -17.48 23.26 0.76
N THR A 121 -17.00 23.90 1.83
CA THR A 121 -15.81 23.52 2.54
C THR A 121 -16.17 22.55 3.65
N LEU A 122 -15.47 21.42 3.72
CA LEU A 122 -15.65 20.52 4.86
C LEU A 122 -14.77 20.96 6.04
N VAL A 123 -15.38 21.13 7.20
CA VAL A 123 -14.76 21.79 8.33
C VAL A 123 -14.56 20.73 9.41
N ASN A 124 -13.37 20.75 10.02
CA ASN A 124 -13.08 20.06 11.26
C ASN A 124 -12.64 21.05 12.32
N ARG A 125 -13.60 21.48 13.14
CA ARG A 125 -13.35 22.47 14.16
C ARG A 125 -13.32 21.75 15.53
N ILE A 126 -12.16 21.90 16.21
CA ILE A 126 -11.68 21.06 17.31
C ILE A 126 -11.42 21.91 18.56
N GLU A 127 -11.82 21.37 19.75
CA GLU A 127 -11.26 21.81 21.03
C GLU A 127 -10.49 20.66 21.65
N LEU A 128 -9.24 20.91 22.10
CA LEU A 128 -8.43 19.91 22.81
C LEU A 128 -8.04 20.43 24.17
N LYS A 129 -8.22 19.57 25.20
CA LYS A 129 -7.60 19.77 26.50
C LYS A 129 -6.76 18.55 26.82
N GLY A 130 -5.70 18.75 27.60
CA GLY A 130 -5.00 17.62 28.18
C GLY A 130 -4.38 17.93 29.53
N PHE A 131 -4.18 16.86 30.27
CA PHE A 131 -4.01 16.84 31.73
C PHE A 131 -3.08 15.73 32.17
N ASP A 132 -2.34 15.98 33.25
CA ASP A 132 -1.55 15.03 34.02
C ASP A 132 -0.29 14.54 33.29
N PHE A 133 0.23 15.35 32.37
CA PHE A 133 1.42 14.98 31.61
C PHE A 133 2.69 15.25 32.44
N ARG A 134 3.79 14.58 32.10
CA ARG A 134 5.07 14.83 32.78
C ARG A 134 5.91 15.75 31.89
N GLU A 135 6.35 16.91 32.42
CA GLU A 135 7.09 17.92 31.66
C GLU A 135 8.26 17.22 30.94
N ASP A 136 8.86 16.22 31.62
CA ASP A 136 10.05 15.49 31.19
C ASP A 136 9.75 14.22 30.38
N GLY A 137 8.48 13.83 30.18
CA GLY A 137 8.13 12.54 29.57
C GLY A 137 8.23 12.63 28.04
N ASN A 138 7.61 11.68 27.35
CA ASN A 138 7.75 11.51 25.91
C ASN A 138 6.94 12.52 25.13
N ILE A 139 5.89 13.12 25.72
CA ILE A 139 4.98 14.02 25.02
C ILE A 139 5.51 15.44 25.13
N LEU A 140 5.52 15.97 26.37
CA LEU A 140 6.07 17.29 26.68
C LEU A 140 7.60 17.24 26.55
N GLY A 141 8.26 16.06 26.49
CA GLY A 141 9.69 15.96 26.16
C GLY A 141 10.00 16.00 24.66
N HIS A 142 8.98 15.88 23.79
CA HIS A 142 9.23 15.69 22.37
C HIS A 142 10.24 14.56 22.16
N LYS A 143 9.86 13.32 22.50
CA LYS A 143 10.75 12.17 22.34
C LYS A 143 10.26 11.22 21.24
N LEU A 144 9.14 11.52 20.56
CA LEU A 144 8.57 10.62 19.55
C LEU A 144 9.17 10.90 18.17
N GLY A 145 9.50 9.88 17.39
CA GLY A 145 9.84 10.06 15.98
C GLY A 145 8.75 10.73 15.14
N TYR A 146 9.13 11.39 14.04
CA TYR A 146 8.18 12.03 13.12
C TYR A 146 7.69 11.07 12.02
N ASN A 147 6.76 10.14 12.33
CA ASN A 147 6.17 9.21 11.36
C ASN A 147 4.83 8.71 11.92
N PHE A 148 4.03 8.02 11.10
CA PHE A 148 2.89 7.25 11.62
C PHE A 148 3.05 5.76 11.27
N ASP A 149 4.23 5.20 11.51
CA ASP A 149 4.49 3.79 11.22
C ASP A 149 4.29 3.00 12.51
N LEU A 150 3.14 2.32 12.62
CA LEU A 150 2.68 1.83 13.90
C LEU A 150 3.07 0.36 13.96
N SER A 151 4.10 0.04 14.76
CA SER A 151 4.53 -1.33 15.03
C SER A 151 3.33 -2.30 15.15
N ASP A 207 -10.15 8.33 -11.34
CA ASP A 207 -8.97 8.52 -12.23
C ASP A 207 -7.82 7.66 -11.73
N PHE A 208 -7.34 6.77 -12.60
CA PHE A 208 -6.28 5.85 -12.24
C PHE A 208 -4.98 6.66 -11.99
N GLY A 209 -4.69 7.71 -12.79
CA GLY A 209 -3.42 8.45 -12.69
C GLY A 209 -3.18 9.30 -11.45
N GLU A 210 -3.98 10.36 -11.25
CA GLU A 210 -3.70 11.36 -10.21
C GLU A 210 -3.79 10.68 -8.83
N PHE A 211 -4.65 9.70 -8.79
CA PHE A 211 -4.76 8.78 -7.71
C PHE A 211 -3.56 7.89 -7.39
N LEU A 212 -3.00 7.22 -8.41
CA LEU A 212 -1.80 6.41 -8.23
C LEU A 212 -0.65 7.28 -7.70
N LYS A 213 -0.54 8.55 -8.14
CA LYS A 213 0.38 9.46 -7.46
C LYS A 213 0.14 9.56 -5.97
N MET A 214 -1.13 9.55 -5.51
CA MET A 214 -1.41 9.68 -4.10
C MET A 214 -1.06 8.37 -3.40
N VAL A 215 -1.33 7.24 -4.07
CA VAL A 215 -1.09 5.96 -3.41
C VAL A 215 0.40 5.70 -3.27
N GLU A 216 1.25 6.19 -4.19
CA GLU A 216 2.69 5.97 -4.12
C GLU A 216 3.22 6.39 -2.74
N ASN A 217 2.76 7.51 -2.18
CA ASN A 217 3.28 8.02 -0.92
C ASN A 217 2.93 7.18 0.30
N VAL A 218 1.98 6.25 0.17
CA VAL A 218 1.44 5.50 1.29
C VAL A 218 1.77 4.00 1.18
N ARG A 219 2.14 3.50 -0.02
CA ARG A 219 2.54 2.10 -0.16
C ARG A 219 3.65 1.74 0.80
N GLY A 220 3.56 0.55 1.39
CA GLY A 220 4.56 0.07 2.33
C GLY A 220 4.24 0.36 3.80
N ILE A 221 3.43 1.41 4.09
CA ILE A 221 3.18 1.84 5.46
C ILE A 221 2.27 0.81 6.12
N ASN A 222 2.67 0.32 7.29
CA ASN A 222 1.81 -0.58 8.08
C ASN A 222 0.36 -0.10 8.11
N SER A 223 -0.60 -0.97 7.81
CA SER A 223 -2.00 -0.53 7.89
C SER A 223 -2.47 -0.54 9.36
N HIS A 224 -3.52 0.26 9.65
CA HIS A 224 -4.14 0.36 10.95
C HIS A 224 -5.66 0.33 10.83
N SER A 225 -6.27 -0.71 11.42
CA SER A 225 -7.68 -1.01 11.30
C SER A 225 -8.43 -0.70 12.60
N VAL A 226 -9.39 0.23 12.55
CA VAL A 226 -10.22 0.57 13.71
C VAL A 226 -11.64 0.07 13.41
N TYR A 227 -12.15 -0.67 14.41
CA TYR A 227 -13.47 -1.26 14.41
C TYR A 227 -14.51 -0.21 14.82
N ILE A 228 -15.51 0.02 13.97
CA ILE A 228 -16.56 0.97 14.21
C ILE A 228 -17.78 0.16 14.58
N THR A 229 -18.38 0.44 15.76
CA THR A 229 -19.57 -0.21 16.31
C THR A 229 -20.65 0.84 16.53
N ALA A 230 -21.90 0.39 16.46
CA ALA A 230 -23.04 1.27 16.66
C ALA A 230 -23.32 1.45 18.14
N ASP A 231 -23.79 2.66 18.49
CA ASP A 231 -24.34 2.92 19.81
C ASP A 231 -25.75 3.42 19.54
N LYS A 232 -26.78 2.59 19.82
CA LYS A 232 -28.16 2.94 19.50
C LYS A 232 -28.66 4.09 20.38
N GLN A 233 -28.33 4.07 21.68
CA GLN A 233 -28.71 5.09 22.64
C GLN A 233 -28.29 6.50 22.18
N LYS A 234 -27.06 6.64 21.69
CA LYS A 234 -26.56 7.91 21.18
C LYS A 234 -26.98 8.18 19.73
N ASN A 235 -27.63 7.22 19.03
CA ASN A 235 -27.94 7.27 17.60
C ASN A 235 -26.67 7.60 16.82
N GLY A 236 -25.57 6.92 17.18
CA GLY A 236 -24.25 7.26 16.67
C GLY A 236 -23.40 6.02 16.56
N VAL A 237 -22.08 6.26 16.54
CA VAL A 237 -21.13 5.16 16.52
C VAL A 237 -20.04 5.42 17.56
N LYS A 238 -19.30 4.35 17.83
CA LYS A 238 -18.18 4.38 18.75
C LYS A 238 -17.09 3.41 18.30
N ALA A 239 -15.92 3.59 18.90
CA ALA A 239 -14.75 2.78 18.62
C ALA A 239 -13.77 2.85 19.79
N HIS A 240 -13.07 1.73 20.01
CA HIS A 240 -11.88 1.66 20.87
C HIS A 240 -10.72 1.16 20.02
N PHE A 241 -9.58 1.85 20.09
CA PHE A 241 -8.36 1.40 19.42
C PHE A 241 -7.10 1.89 20.13
N GLU A 242 -5.94 1.37 19.65
CA GLU A 242 -4.60 1.67 20.16
C GLU A 242 -3.78 2.32 19.04
N ILE A 243 -3.07 3.39 19.36
CA ILE A 243 -1.99 3.89 18.53
C ILE A 243 -0.66 3.68 19.27
N ARG A 244 0.25 2.95 18.62
CA ARG A 244 1.60 2.70 19.10
C ARG A 244 2.56 3.64 18.36
N HIS A 245 2.83 4.82 18.95
CA HIS A 245 3.87 5.71 18.45
C HIS A 245 5.22 5.07 18.72
N ASN A 246 6.14 5.14 17.75
CA ASN A 246 7.56 4.87 17.99
C ASN A 246 8.21 6.10 18.62
N LEU A 247 9.26 5.79 19.38
CA LEU A 247 10.26 6.73 19.83
C LEU A 247 11.53 6.53 19.03
N GLU A 248 12.47 7.49 19.09
CA GLU A 248 13.75 7.34 18.41
C GLU A 248 14.50 6.14 19.02
N ASP A 249 14.50 6.04 20.36
CA ASP A 249 15.24 5.00 21.07
C ASP A 249 14.78 3.58 20.72
N GLY A 250 13.61 3.43 20.09
CA GLY A 250 13.18 2.16 19.51
C GLY A 250 12.04 1.51 20.29
N SER A 251 11.63 2.10 21.43
CA SER A 251 10.48 1.61 22.19
C SER A 251 9.20 2.31 21.70
N VAL A 252 8.07 2.04 22.38
CA VAL A 252 6.74 2.42 21.93
C VAL A 252 6.08 3.34 22.97
N GLN A 253 5.19 4.23 22.50
CA GLN A 253 4.38 5.05 23.36
C GLN A 253 2.95 4.77 22.97
N LEU A 254 2.23 4.14 23.91
CA LEU A 254 0.85 3.71 23.76
C LEU A 254 -0.03 4.95 23.97
N ALA A 255 -0.99 5.08 23.07
CA ALA A 255 -2.05 6.09 23.11
C ALA A 255 -3.40 5.39 22.94
N ASP A 256 -4.18 5.32 24.02
CA ASP A 256 -5.31 4.39 24.08
C ASP A 256 -6.57 5.21 23.76
N HIS A 257 -7.15 4.94 22.58
CA HIS A 257 -8.17 5.84 22.02
C HIS A 257 -9.55 5.27 22.26
N TYR A 258 -10.41 6.06 22.91
CA TYR A 258 -11.85 5.80 22.91
C TYR A 258 -12.56 6.96 22.23
N GLN A 259 -13.54 6.63 21.37
CA GLN A 259 -14.15 7.59 20.46
C GLN A 259 -15.68 7.39 20.47
N GLN A 260 -16.37 8.52 20.32
CA GLN A 260 -17.82 8.62 20.26
C GLN A 260 -18.15 9.64 19.17
N ASN A 261 -19.06 9.32 18.24
CA ASN A 261 -19.56 10.23 17.21
C ASN A 261 -21.10 10.30 17.30
N THR A 262 -21.66 11.50 17.45
CA THR A 262 -23.09 11.77 17.35
C THR A 262 -23.42 12.70 16.16
N PRO A 263 -24.54 12.51 15.42
CA PRO A 263 -25.07 13.53 14.52
C PRO A 263 -25.49 14.82 15.21
N ILE A 264 -25.19 15.95 14.56
CA ILE A 264 -25.66 17.28 14.89
C ILE A 264 -27.14 17.43 14.48
N GLY A 265 -27.59 16.83 13.37
CA GLY A 265 -28.99 16.92 13.01
C GLY A 265 -29.92 16.12 13.94
N ASP A 266 -31.15 16.65 14.12
CA ASP A 266 -32.28 15.96 14.74
C ASP A 266 -32.61 14.64 14.05
N GLY A 267 -32.75 14.67 12.72
CA GLY A 267 -33.34 13.57 11.97
C GLY A 267 -32.42 12.36 11.92
N PRO A 268 -32.94 11.14 11.62
CA PRO A 268 -32.26 9.87 11.93
C PRO A 268 -31.01 9.62 11.09
N VAL A 269 -30.33 8.50 11.36
CA VAL A 269 -29.15 8.09 10.59
C VAL A 269 -29.16 6.58 10.37
N LEU A 270 -28.34 6.15 9.39
CA LEU A 270 -27.96 4.76 9.20
C LEU A 270 -27.07 4.41 10.39
N LEU A 271 -27.53 3.55 11.33
CA LEU A 271 -26.61 3.01 12.32
C LEU A 271 -26.00 1.74 11.74
N PRO A 272 -24.67 1.75 11.50
CA PRO A 272 -24.06 0.68 10.71
C PRO A 272 -23.88 -0.64 11.45
N ASP A 273 -23.81 -1.73 10.68
CA ASP A 273 -23.24 -2.96 11.19
C ASP A 273 -21.77 -2.68 11.53
N ASN A 274 -21.23 -3.42 12.51
CA ASN A 274 -19.82 -3.45 12.93
C ASN A 274 -18.88 -3.72 11.74
N HIS A 275 -18.08 -2.69 11.36
CA HIS A 275 -17.11 -2.77 10.27
C HIS A 275 -15.82 -2.05 10.70
N TYR A 276 -14.76 -2.20 9.87
CA TYR A 276 -13.43 -1.63 10.11
C TYR A 276 -13.15 -0.50 9.12
N LEU A 277 -12.35 0.50 9.55
CA LEU A 277 -11.77 1.50 8.66
C LEU A 277 -10.26 1.23 8.65
N ARG A 278 -9.66 1.09 7.46
CA ARG A 278 -8.26 0.72 7.32
C ARG A 278 -7.47 1.92 6.82
N HIS A 279 -6.55 2.38 7.66
CA HIS A 279 -5.80 3.61 7.43
C HIS A 279 -4.31 3.30 7.18
N GLN A 280 -3.70 4.12 6.34
CA GLN A 280 -2.26 4.28 6.24
C GLN A 280 -2.05 5.79 6.23
N SER A 281 -1.20 6.28 7.14
CA SER A 281 -0.90 7.68 7.20
C SER A 281 0.58 7.96 6.98
N ALA A 282 0.86 9.04 6.23
CA ALA A 282 2.19 9.57 5.95
C ALA A 282 2.29 11.03 6.38
N LEU A 283 3.32 11.31 7.19
CA LEU A 283 3.68 12.65 7.64
C LEU A 283 4.93 13.07 6.90
N SER A 284 4.95 14.36 6.48
CA SER A 284 6.00 14.98 5.68
C SER A 284 6.03 16.46 6.08
N LYS A 285 6.87 17.22 5.40
CA LYS A 285 6.96 18.67 5.53
C LYS A 285 6.84 19.36 4.19
N ASP A 286 6.32 20.59 4.16
CA ASP A 286 6.53 21.54 3.08
C ASP A 286 7.91 22.20 3.21
N PRO A 287 8.82 22.01 2.21
CA PRO A 287 10.18 22.53 2.29
C PRO A 287 10.30 24.06 2.24
N ASN A 288 9.18 24.77 1.97
CA ASN A 288 9.16 26.22 1.88
C ASN A 288 8.47 26.84 3.08
N GLU A 289 7.99 26.04 4.05
CA GLU A 289 7.21 26.55 5.17
C GLU A 289 8.17 26.88 6.32
N LYS A 290 8.14 28.12 6.85
CA LYS A 290 8.96 28.57 7.98
C LYS A 290 8.51 28.02 9.32
N ARG A 291 7.21 28.07 9.54
CA ARG A 291 6.59 27.73 10.82
C ARG A 291 6.72 26.23 11.12
N ASP A 292 6.52 25.88 12.40
CA ASP A 292 6.25 24.50 12.85
C ASP A 292 4.93 24.01 12.23
N HIS A 293 5.00 22.85 11.55
CA HIS A 293 3.89 22.42 10.73
C HIS A 293 3.97 20.93 10.48
N MET A 294 2.88 20.38 9.94
CA MET A 294 2.88 19.00 9.50
C MET A 294 2.01 18.89 8.26
N VAL A 295 2.58 18.17 7.27
CA VAL A 295 1.76 17.61 6.21
C VAL A 295 1.40 16.15 6.49
N LEU A 296 0.08 15.89 6.43
CA LEU A 296 -0.57 14.61 6.72
C LEU A 296 -1.37 14.19 5.48
N GLN A 297 -1.08 12.97 5.01
CA GLN A 297 -1.93 12.29 4.03
C GLN A 297 -2.43 10.98 4.60
N GLU A 298 -3.77 10.71 4.52
CA GLU A 298 -4.37 9.46 4.99
C GLU A 298 -5.13 8.75 3.87
N PHE A 299 -4.91 7.44 3.70
CA PHE A 299 -5.62 6.58 2.78
C PHE A 299 -6.49 5.69 3.67
N VAL A 300 -7.79 5.86 3.53
CA VAL A 300 -8.77 5.24 4.41
C VAL A 300 -9.82 4.49 3.61
N THR A 301 -10.00 3.16 3.88
CA THR A 301 -11.10 2.45 3.22
C THR A 301 -11.86 1.69 4.28
N ALA A 302 -13.14 1.39 3.99
CA ALA A 302 -13.92 0.52 4.86
C ALA A 302 -13.98 -0.93 4.36
N ALA A 303 -14.05 -1.89 5.29
CA ALA A 303 -14.28 -3.32 5.00
C ALA A 303 -14.79 -4.10 6.22
N GLY A 304 -14.99 -5.43 6.04
CA GLY A 304 -15.23 -6.40 7.10
C GLY A 304 -16.71 -6.73 7.37
N ILE A 305 -17.64 -6.12 6.62
CA ILE A 305 -19.07 -6.44 6.69
C ILE A 305 -19.61 -6.61 5.25
N SER B 7 3.42 5.58 -28.60
CA SER B 7 4.36 4.54 -28.10
C SER B 7 3.90 3.14 -28.53
N LYS B 8 4.78 2.49 -29.29
CA LYS B 8 4.60 1.13 -29.77
C LYS B 8 4.21 0.19 -28.64
N GLY B 9 3.04 -0.46 -28.79
CA GLY B 9 2.63 -1.54 -27.89
C GLY B 9 1.46 -1.19 -26.97
N GLU B 10 1.21 0.12 -26.75
CA GLU B 10 0.36 0.58 -25.66
C GLU B 10 -1.06 -0.02 -25.74
N GLU B 11 -1.61 -0.25 -26.95
CA GLU B 11 -2.97 -0.76 -27.00
C GLU B 11 -3.03 -2.24 -26.63
N LEU B 12 -1.94 -3.01 -26.79
CA LEU B 12 -1.88 -4.40 -26.34
C LEU B 12 -2.19 -4.52 -24.83
N PHE B 13 -1.97 -3.46 -24.05
CA PHE B 13 -1.98 -3.49 -22.58
C PHE B 13 -3.08 -2.62 -21.96
N THR B 14 -3.98 -2.02 -22.76
CA THR B 14 -5.07 -1.24 -22.15
C THR B 14 -6.20 -2.14 -21.61
N GLY B 15 -6.38 -3.37 -22.09
CA GLY B 15 -7.40 -4.24 -21.51
C GLY B 15 -6.97 -4.94 -20.20
N VAL B 16 -7.83 -5.86 -19.76
CA VAL B 16 -7.44 -7.03 -18.99
C VAL B 16 -6.93 -8.13 -19.92
N VAL B 17 -5.66 -8.49 -19.76
CA VAL B 17 -4.95 -9.35 -20.69
C VAL B 17 -4.78 -10.73 -20.05
N PRO B 18 -5.33 -11.79 -20.70
CA PRO B 18 -5.07 -13.18 -20.30
C PRO B 18 -3.58 -13.49 -20.25
N ILE B 19 -3.17 -14.30 -19.25
CA ILE B 19 -1.81 -14.74 -19.04
C ILE B 19 -1.76 -16.26 -19.06
N LEU B 20 -0.75 -16.81 -19.73
CA LEU B 20 -0.26 -18.16 -19.53
C LEU B 20 1.18 -18.14 -19.02
N VAL B 21 1.44 -19.01 -18.02
CA VAL B 21 2.78 -19.29 -17.50
C VAL B 21 3.15 -20.78 -17.66
N GLU B 22 4.31 -21.07 -18.27
CA GLU B 22 4.84 -22.43 -18.41
C GLU B 22 6.33 -22.48 -18.09
N MET B 23 6.69 -23.14 -16.97
CA MET B 23 8.08 -23.36 -16.58
C MET B 23 8.40 -24.86 -16.69
N VAL B 24 9.59 -25.19 -17.24
CA VAL B 24 10.35 -26.40 -16.92
C VAL B 24 11.52 -26.10 -16.01
N GLY B 25 11.63 -26.87 -14.92
CA GLY B 25 12.70 -26.72 -13.97
C GLY B 25 13.52 -28.00 -13.82
N ASP B 26 14.76 -27.84 -13.37
CA ASP B 26 15.61 -28.95 -13.00
C ASP B 26 16.57 -28.39 -11.97
N VAL B 27 16.34 -28.76 -10.72
CA VAL B 27 17.13 -28.23 -9.64
C VAL B 27 17.85 -29.40 -8.98
N ASN B 28 19.16 -29.49 -9.22
CA ASN B 28 20.03 -30.53 -8.68
C ASN B 28 19.60 -31.94 -9.12
N GLY B 29 19.20 -32.10 -10.39
CA GLY B 29 18.53 -33.31 -10.83
C GLY B 29 17.05 -33.47 -10.44
N HIS B 30 16.43 -32.59 -9.62
CA HIS B 30 15.01 -32.74 -9.34
C HIS B 30 14.23 -32.05 -10.45
N ARG B 31 13.58 -32.81 -11.33
CA ARG B 31 12.88 -32.20 -12.46
C ARG B 31 11.39 -31.96 -12.18
N PHE B 32 10.85 -30.76 -12.55
CA PHE B 32 9.46 -30.36 -12.28
C PHE B 32 8.92 -29.50 -13.41
N SER B 33 7.58 -29.31 -13.37
CA SER B 33 6.85 -28.43 -14.27
C SER B 33 5.86 -27.58 -13.47
N VAL B 34 5.69 -26.32 -13.91
CA VAL B 34 4.72 -25.40 -13.35
C VAL B 34 3.91 -24.78 -14.50
N SER B 35 2.59 -24.77 -14.33
CA SER B 35 1.65 -24.28 -15.31
C SER B 35 0.85 -23.23 -14.56
N GLY B 36 0.72 -22.05 -15.15
CA GLY B 36 -0.14 -20.99 -14.61
C GLY B 36 -1.06 -20.31 -15.62
N GLU B 37 -2.10 -19.67 -15.06
CA GLU B 37 -2.90 -18.77 -15.87
C GLU B 37 -3.26 -17.55 -15.00
N GLY B 38 -3.35 -16.37 -15.62
CA GLY B 38 -3.74 -15.19 -14.89
C GLY B 38 -4.29 -14.07 -15.74
N GLU B 39 -4.48 -12.94 -15.07
CA GLU B 39 -4.99 -11.73 -15.69
C GLU B 39 -4.07 -10.58 -15.35
N GLY B 40 -3.76 -9.76 -16.36
CA GLY B 40 -2.80 -8.67 -16.19
C GLY B 40 -3.38 -7.37 -16.73
N ILE B 41 -3.33 -6.32 -15.87
CA ILE B 41 -4.18 -5.16 -15.98
C ILE B 41 -3.24 -3.96 -15.78
N ALA B 42 -2.45 -3.62 -16.83
CA ALA B 42 -1.44 -2.57 -16.76
C ALA B 42 -2.00 -1.18 -16.41
N THR B 43 -3.29 -0.93 -16.69
CA THR B 43 -4.04 0.25 -16.21
C THR B 43 -3.96 0.39 -14.69
N TYR B 44 -4.02 -0.76 -13.97
CA TYR B 44 -3.96 -0.80 -12.51
C TYR B 44 -2.56 -1.13 -11.99
N GLY B 45 -1.61 -1.47 -12.88
CA GLY B 45 -0.30 -1.97 -12.52
C GLY B 45 -0.37 -3.33 -11.83
N MET B 46 -1.46 -4.09 -12.08
CA MET B 46 -1.70 -5.35 -11.37
C MET B 46 -1.53 -6.56 -12.28
N LEU B 47 -0.89 -7.63 -11.77
CA LEU B 47 -1.17 -8.95 -12.31
C LEU B 47 -1.41 -9.95 -11.16
N THR B 48 -2.30 -10.93 -11.43
CA THR B 48 -2.62 -12.07 -10.57
C THR B 48 -2.59 -13.38 -11.36
N LEU B 49 -1.94 -14.43 -10.78
CA LEU B 49 -1.65 -15.69 -11.41
C LEU B 49 -1.91 -16.75 -10.36
N LYS B 50 -2.48 -17.89 -10.80
CA LYS B 50 -2.44 -19.13 -10.04
C LYS B 50 -1.47 -20.06 -10.74
N LEU B 51 -0.47 -20.54 -10.00
CA LEU B 51 0.55 -21.44 -10.53
C LEU B 51 0.37 -22.81 -9.88
N ILE B 52 0.35 -23.90 -10.66
CA ILE B 52 0.33 -25.27 -10.13
C ILE B 52 1.62 -26.02 -10.50
N CYS B 53 2.09 -26.91 -9.62
CA CYS B 53 3.13 -27.87 -9.95
C CYS B 53 2.47 -29.10 -10.54
N THR B 54 2.55 -29.26 -11.88
CA THR B 54 1.89 -30.35 -12.58
C THR B 54 2.61 -31.69 -12.40
N THR B 55 3.82 -31.74 -11.82
CA THR B 55 4.59 -32.98 -11.70
C THR B 55 4.50 -33.54 -10.28
N GLY B 56 3.85 -32.83 -9.36
CA GLY B 56 3.57 -33.30 -8.00
C GLY B 56 3.98 -32.26 -6.95
N GLU B 57 4.94 -32.63 -6.07
CA GLU B 57 5.45 -31.70 -5.07
C GLU B 57 6.49 -30.79 -5.76
N LEU B 58 6.41 -29.47 -5.53
CA LEU B 58 7.46 -28.56 -5.99
C LEU B 58 8.71 -28.86 -5.18
N PRO B 59 9.89 -29.17 -5.80
CA PRO B 59 11.09 -29.50 -5.03
C PRO B 59 11.90 -28.33 -4.47
N VAL B 60 11.34 -27.10 -4.50
CA VAL B 60 11.95 -25.91 -3.95
C VAL B 60 10.83 -25.05 -3.39
N PRO B 61 11.10 -23.96 -2.66
CA PRO B 61 10.00 -23.14 -2.15
C PRO B 61 9.39 -22.26 -3.25
N TRP B 62 8.06 -22.18 -3.25
CA TRP B 62 7.32 -21.24 -4.10
C TRP B 62 7.90 -19.83 -4.07
N PRO B 63 8.21 -19.22 -2.88
CA PRO B 63 8.70 -17.84 -2.91
C PRO B 63 10.00 -17.67 -3.69
N THR B 64 10.85 -18.75 -3.76
CA THR B 64 12.04 -18.69 -4.60
C THR B 64 11.77 -18.56 -6.10
N LEU B 65 10.54 -18.85 -6.58
CA LEU B 65 10.17 -18.80 -7.98
C LEU B 65 9.39 -17.52 -8.32
N VAL B 66 9.08 -16.63 -7.36
CA VAL B 66 8.27 -15.45 -7.66
C VAL B 66 8.84 -14.56 -8.77
N THR B 67 10.11 -14.16 -8.73
CA THR B 67 10.63 -13.22 -9.71
C THR B 67 10.69 -13.85 -11.12
N THR B 68 10.92 -15.16 -11.23
CA THR B 68 10.97 -15.89 -12.47
C THR B 68 9.57 -15.98 -13.08
N LEU B 69 8.54 -16.39 -12.30
CA LEU B 69 7.18 -16.60 -12.79
C LEU B 69 6.50 -15.23 -13.01
N MET B 71 6.90 -10.36 -15.58
CA MET B 71 6.09 -9.78 -16.67
C MET B 71 5.98 -8.26 -16.43
N ALA B 72 7.11 -7.52 -16.58
CA ALA B 72 7.20 -6.10 -16.24
C ALA B 72 6.47 -5.25 -17.28
N CYS B 73 6.06 -5.86 -18.41
CA CYS B 73 5.05 -5.31 -19.30
C CYS B 73 3.75 -4.90 -18.61
N PHE B 74 3.41 -5.42 -17.40
CA PHE B 74 2.18 -5.08 -16.68
C PHE B 74 2.35 -3.98 -15.63
N ALA B 75 3.58 -3.49 -15.45
CA ALA B 75 3.91 -2.40 -14.57
C ALA B 75 3.27 -1.14 -15.13
N ARG B 76 2.73 -0.25 -14.25
CA ARG B 76 2.16 1.03 -14.66
CA ARG B 76 2.17 1.01 -14.73
C ARG B 76 3.30 2.03 -14.78
N TYR B 77 3.56 2.51 -15.99
CA TYR B 77 4.38 3.68 -16.16
C TYR B 77 3.44 4.89 -16.16
N PRO B 78 3.80 5.96 -15.42
CA PRO B 78 3.03 7.21 -15.45
C PRO B 78 3.11 7.82 -16.83
N ASP B 79 2.07 8.56 -17.24
CA ASP B 79 1.97 9.15 -18.58
C ASP B 79 3.28 9.78 -19.03
N HIS B 80 3.96 10.54 -18.15
CA HIS B 80 5.21 11.24 -18.48
C HIS B 80 6.40 10.31 -18.77
N MET B 81 6.35 9.02 -18.42
CA MET B 81 7.52 8.15 -18.55
C MET B 81 7.28 7.05 -19.57
N LYS B 82 6.20 7.14 -20.36
CA LYS B 82 5.75 6.04 -21.18
C LYS B 82 6.71 5.72 -22.35
N GLN B 83 7.66 6.64 -22.67
CA GLN B 83 8.79 6.39 -23.57
C GLN B 83 10.07 5.92 -22.84
N HIS B 84 9.95 5.42 -21.60
CA HIS B 84 11.03 4.69 -20.95
C HIS B 84 10.59 3.24 -20.64
N ASP B 85 9.46 2.81 -21.27
CA ASP B 85 8.85 1.49 -21.10
C ASP B 85 9.37 0.54 -22.17
N PHE B 86 10.49 -0.14 -21.91
CA PHE B 86 11.04 -1.10 -22.87
C PHE B 86 10.14 -2.31 -23.07
N PHE B 87 9.49 -2.73 -21.98
CA PHE B 87 8.78 -4.01 -21.91
C PHE B 87 7.49 -4.01 -22.73
N LYS B 88 6.78 -2.87 -22.83
CA LYS B 88 5.63 -2.79 -23.75
C LYS B 88 6.09 -2.52 -25.19
N SER B 89 7.13 -1.70 -25.39
CA SER B 89 7.66 -1.27 -26.69
C SER B 89 8.19 -2.44 -27.52
N ALA B 90 8.57 -3.56 -26.86
CA ALA B 90 9.03 -4.75 -27.54
C ALA B 90 7.87 -5.51 -28.16
N MET B 91 6.63 -5.28 -27.68
CA MET B 91 5.54 -6.21 -28.01
C MET B 91 4.89 -5.89 -29.36
N PRO B 92 4.32 -6.86 -30.12
CA PRO B 92 4.14 -8.25 -29.71
C PRO B 92 5.28 -9.27 -29.81
N GLU B 93 6.40 -8.98 -30.50
CA GLU B 93 7.44 -9.99 -30.63
C GLU B 93 8.03 -10.35 -29.27
N GLY B 94 7.95 -9.43 -28.33
CA GLY B 94 8.34 -9.68 -26.98
C GLY B 94 9.83 -9.49 -26.76
N TYR B 95 10.26 -9.97 -25.61
CA TYR B 95 11.64 -9.91 -25.17
C TYR B 95 12.02 -11.23 -24.51
N VAL B 96 13.34 -11.43 -24.40
CA VAL B 96 13.95 -12.50 -23.62
C VAL B 96 14.25 -11.93 -22.24
N GLN B 97 13.90 -12.69 -21.21
CA GLN B 97 14.34 -12.36 -19.87
C GLN B 97 15.25 -13.48 -19.34
N GLU B 98 16.53 -13.14 -19.16
CA GLU B 98 17.48 -14.02 -18.52
C GLU B 98 17.78 -13.49 -17.14
N ARG B 99 17.99 -14.43 -16.21
CA ARG B 99 18.47 -14.14 -14.87
C ARG B 99 19.46 -15.22 -14.43
N THR B 100 20.39 -14.79 -13.59
CA THR B 100 21.23 -15.58 -12.73
C THR B 100 20.94 -15.20 -11.28
N ILE B 101 20.52 -16.20 -10.46
CA ILE B 101 20.12 -15.95 -9.08
C ILE B 101 21.02 -16.74 -8.13
N PHE B 102 21.91 -16.04 -7.41
CA PHE B 102 22.82 -16.65 -6.43
C PHE B 102 22.25 -16.72 -4.99
N PHE B 103 21.85 -17.92 -4.53
CA PHE B 103 21.43 -18.09 -3.13
C PHE B 103 22.66 -18.15 -2.23
N LYS B 104 22.82 -17.14 -1.33
CA LYS B 104 23.96 -17.07 -0.40
C LYS B 104 24.04 -18.34 0.45
N ASP B 105 25.24 -18.96 0.48
CA ASP B 105 25.58 -20.20 1.15
C ASP B 105 24.79 -21.39 0.58
N ASP B 106 24.38 -21.31 -0.69
CA ASP B 106 23.62 -22.39 -1.30
C ASP B 106 23.95 -22.43 -2.80
N GLY B 107 23.01 -22.91 -3.61
CA GLY B 107 23.16 -23.05 -5.03
C GLY B 107 22.71 -21.78 -5.78
N TYR B 108 22.59 -21.92 -7.11
CA TYR B 108 22.22 -20.80 -7.96
C TYR B 108 21.22 -21.23 -9.04
N TYR B 109 20.36 -20.31 -9.49
CA TYR B 109 19.48 -20.55 -10.62
C TYR B 109 19.99 -19.77 -11.84
N LYS B 110 19.73 -20.36 -13.02
CA LYS B 110 19.79 -19.75 -14.32
C LYS B 110 18.43 -19.92 -14.97
N THR B 111 17.81 -18.80 -15.33
CA THR B 111 16.49 -18.85 -15.91
C THR B 111 16.63 -18.25 -17.29
N ARG B 112 15.98 -18.86 -18.28
CA ARG B 112 15.75 -18.23 -19.57
C ARG B 112 14.25 -18.22 -19.82
N ALA B 113 13.69 -17.05 -20.08
CA ALA B 113 12.28 -16.98 -20.43
C ALA B 113 12.10 -16.12 -21.67
N GLU B 114 11.03 -16.43 -22.43
CA GLU B 114 10.50 -15.52 -23.40
C GLU B 114 9.17 -14.98 -22.92
N VAL B 115 9.10 -13.64 -22.93
CA VAL B 115 7.86 -12.90 -22.71
C VAL B 115 7.42 -12.30 -24.05
N LYS B 116 6.24 -12.71 -24.51
CA LYS B 116 5.69 -12.38 -25.81
C LYS B 116 4.20 -12.69 -25.82
N PHE B 117 3.50 -12.18 -26.83
CA PHE B 117 2.09 -12.48 -27.07
C PHE B 117 1.92 -13.62 -28.06
N GLU B 118 1.08 -14.59 -27.70
CA GLU B 118 0.50 -15.57 -28.60
C GLU B 118 -0.99 -15.30 -28.71
N GLY B 119 -1.40 -14.69 -29.84
CA GLY B 119 -2.67 -14.01 -29.93
C GLY B 119 -2.91 -12.98 -28.83
N ASP B 120 -4.08 -13.07 -28.18
CA ASP B 120 -4.54 -12.21 -27.10
C ASP B 120 -4.01 -12.58 -25.71
N THR B 121 -3.12 -13.59 -25.63
CA THR B 121 -2.53 -14.09 -24.41
C THR B 121 -1.09 -13.59 -24.33
N LEU B 122 -0.80 -12.92 -23.22
CA LEU B 122 0.59 -12.76 -22.85
C LEU B 122 1.10 -14.05 -22.17
N VAL B 123 2.14 -14.62 -22.79
CA VAL B 123 2.73 -15.87 -22.35
C VAL B 123 4.15 -15.59 -21.82
N ASN B 124 4.45 -16.22 -20.68
CA ASN B 124 5.77 -16.36 -20.07
C ASN B 124 6.19 -17.83 -20.07
N ARG B 125 7.21 -18.17 -20.85
CA ARG B 125 7.73 -19.51 -21.16
C ARG B 125 9.15 -19.67 -20.66
N ILE B 126 9.31 -20.50 -19.65
CA ILE B 126 10.47 -20.40 -18.77
C ILE B 126 11.22 -21.73 -18.72
N GLU B 127 12.56 -21.69 -18.74
CA GLU B 127 13.40 -22.86 -18.47
C GLU B 127 14.33 -22.41 -17.36
N LEU B 128 14.40 -23.22 -16.28
CA LEU B 128 15.17 -22.95 -15.06
C LEU B 128 16.05 -24.15 -14.73
N LYS B 129 17.29 -23.83 -14.33
CA LYS B 129 18.29 -24.81 -13.93
C LYS B 129 18.98 -24.33 -12.67
N GLY B 130 18.81 -25.17 -11.63
CA GLY B 130 19.49 -25.06 -10.37
C GLY B 130 20.66 -26.03 -10.31
N PHE B 131 21.80 -25.54 -9.81
CA PHE B 131 22.94 -26.37 -9.47
C PHE B 131 23.50 -25.98 -8.12
N ASP B 132 24.21 -26.94 -7.50
CA ASP B 132 25.01 -26.78 -6.31
C ASP B 132 24.20 -26.42 -5.07
N PHE B 133 22.92 -26.78 -5.04
CA PHE B 133 22.13 -26.68 -3.82
C PHE B 133 22.59 -27.70 -2.76
N ARG B 134 22.31 -27.38 -1.49
CA ARG B 134 22.50 -28.29 -0.36
C ARG B 134 21.19 -29.05 -0.13
N GLU B 135 21.23 -30.38 -0.05
CA GLU B 135 20.00 -31.12 0.25
C GLU B 135 19.48 -30.75 1.63
N ASP B 136 20.36 -30.31 2.57
CA ASP B 136 19.92 -29.90 3.91
C ASP B 136 19.83 -28.38 4.05
N GLY B 137 19.72 -27.68 2.92
CA GLY B 137 19.71 -26.23 2.98
C GLY B 137 18.27 -25.70 2.98
N ASN B 138 18.23 -24.38 2.81
CA ASN B 138 17.08 -23.55 3.06
C ASN B 138 16.10 -23.71 1.90
N ILE B 139 16.61 -24.09 0.72
CA ILE B 139 15.83 -24.23 -0.50
C ILE B 139 15.32 -25.66 -0.62
N LEU B 140 16.24 -26.62 -0.78
CA LEU B 140 15.85 -28.01 -1.00
C LEU B 140 15.15 -28.63 0.20
N GLY B 141 15.43 -28.16 1.43
CA GLY B 141 14.72 -28.58 2.64
C GLY B 141 13.69 -27.57 3.15
N HIS B 142 13.16 -26.69 2.26
CA HIS B 142 11.90 -25.98 2.48
C HIS B 142 11.85 -25.20 3.81
N LYS B 143 12.80 -24.26 4.07
CA LYS B 143 12.85 -23.49 5.33
C LYS B 143 12.48 -22.01 5.20
N LEU B 144 11.92 -21.65 4.03
CA LEU B 144 11.41 -20.29 3.78
C LEU B 144 9.95 -20.14 4.21
N GLY B 145 9.60 -18.96 4.70
CA GLY B 145 8.20 -18.61 4.92
C GLY B 145 7.48 -18.37 3.58
N TYR B 146 6.21 -18.77 3.55
CA TYR B 146 5.38 -18.61 2.36
C TYR B 146 4.82 -17.18 2.40
N ASN B 147 5.63 -16.24 1.89
CA ASN B 147 5.39 -14.81 1.93
C ASN B 147 6.43 -14.17 1.00
N PHE B 148 6.14 -12.91 0.66
CA PHE B 148 7.06 -12.03 -0.03
C PHE B 148 7.21 -10.70 0.72
N ASP B 149 7.24 -10.80 2.06
CA ASP B 149 7.34 -9.62 2.91
C ASP B 149 8.76 -9.03 2.80
N LEU B 150 9.81 -9.88 2.61
CA LEU B 150 11.23 -9.55 2.53
C LEU B 150 11.78 -8.74 3.75
N SER B 151 13.08 -8.84 4.09
CA SER B 151 13.75 -7.88 5.01
C SER B 151 14.24 -6.59 4.30
N GLU B 152 14.51 -5.54 5.11
CA GLU B 152 15.00 -4.28 4.58
C GLU B 152 16.50 -4.43 4.26
N ILE B 206 -12.61 -3.44 -16.94
CA ILE B 206 -11.70 -2.44 -16.32
C ILE B 206 -12.56 -1.46 -15.51
N ASP B 207 -12.32 -1.42 -14.18
CA ASP B 207 -13.28 -0.94 -13.19
C ASP B 207 -12.50 -0.45 -11.96
N PHE B 208 -12.74 0.81 -11.54
CA PHE B 208 -12.02 1.41 -10.44
C PHE B 208 -12.31 0.62 -9.16
N GLY B 209 -13.58 0.27 -8.95
CA GLY B 209 -13.92 -0.56 -7.81
C GLY B 209 -12.95 -1.72 -7.72
N GLU B 210 -12.65 -2.29 -8.91
CA GLU B 210 -11.69 -3.38 -9.02
C GLU B 210 -10.28 -2.91 -8.62
N PHE B 211 -9.75 -1.73 -9.05
CA PHE B 211 -8.39 -1.34 -8.63
C PHE B 211 -8.33 -1.42 -7.11
N LEU B 212 -9.32 -0.82 -6.45
CA LEU B 212 -9.27 -0.71 -5.01
C LEU B 212 -9.45 -2.05 -4.33
N LYS B 213 -10.36 -2.90 -4.81
CA LYS B 213 -10.47 -4.23 -4.22
C LYS B 213 -9.11 -4.92 -4.30
N MET B 214 -8.40 -4.71 -5.42
CA MET B 214 -7.13 -5.39 -5.68
C MET B 214 -6.04 -4.84 -4.75
N VAL B 215 -6.04 -3.53 -4.52
CA VAL B 215 -4.98 -2.90 -3.73
C VAL B 215 -5.09 -3.27 -2.27
N GLU B 216 -6.29 -3.64 -1.77
CA GLU B 216 -6.45 -4.03 -0.37
C GLU B 216 -5.65 -5.29 -0.06
N ASN B 217 -5.37 -6.15 -1.07
CA ASN B 217 -4.58 -7.35 -0.89
C ASN B 217 -3.07 -7.09 -0.78
N VAL B 218 -2.57 -5.95 -1.26
CA VAL B 218 -1.15 -5.60 -1.23
C VAL B 218 -0.84 -4.44 -0.26
N ARG B 219 -1.87 -3.86 0.36
CA ARG B 219 -1.70 -2.71 1.25
C ARG B 219 -0.86 -3.10 2.45
N GLY B 220 0.18 -2.29 2.69
CA GLY B 220 1.07 -2.48 3.81
C GLY B 220 2.12 -3.58 3.64
N ILE B 221 2.16 -4.30 2.51
CA ILE B 221 3.28 -5.20 2.29
C ILE B 221 4.44 -4.28 1.90
N ASN B 222 5.62 -4.55 2.44
CA ASN B 222 6.80 -3.76 2.09
C ASN B 222 7.05 -3.72 0.58
N SER B 223 7.37 -2.53 0.08
CA SER B 223 7.65 -2.40 -1.36
C SER B 223 9.12 -2.70 -1.58
N HIS B 224 9.44 -3.21 -2.78
CA HIS B 224 10.77 -3.57 -3.23
C HIS B 224 11.00 -2.91 -4.61
N SER B 225 12.05 -2.07 -4.71
CA SER B 225 12.38 -1.45 -5.99
C SER B 225 13.50 -2.18 -6.74
N VAL B 226 13.37 -2.22 -8.07
CA VAL B 226 14.35 -2.75 -9.00
C VAL B 226 14.86 -1.57 -9.85
N TYR B 227 16.18 -1.35 -9.93
CA TYR B 227 16.73 -0.28 -10.75
C TYR B 227 17.01 -0.81 -12.18
N ILE B 228 16.27 -0.30 -13.17
CA ILE B 228 16.37 -0.72 -14.55
C ILE B 228 17.31 0.27 -15.23
N THR B 229 18.33 -0.25 -15.93
CA THR B 229 19.27 0.56 -16.70
C THR B 229 19.28 0.07 -18.14
N ALA B 230 19.52 0.99 -19.08
CA ALA B 230 19.77 0.69 -20.48
C ALA B 230 21.01 -0.18 -20.64
N ASP B 231 20.92 -1.30 -21.37
CA ASP B 231 22.09 -2.11 -21.75
C ASP B 231 22.35 -1.87 -23.24
N LYS B 232 22.91 -0.68 -23.55
CA LYS B 232 23.07 -0.14 -24.89
C LYS B 232 23.72 -1.15 -25.84
N GLN B 233 24.88 -1.68 -25.41
CA GLN B 233 25.63 -2.76 -26.06
C GLN B 233 24.70 -3.81 -26.68
N LYS B 234 23.79 -4.34 -25.87
CA LYS B 234 22.95 -5.48 -26.23
C LYS B 234 21.53 -5.09 -26.65
N ASN B 235 21.24 -3.79 -26.74
CA ASN B 235 19.97 -3.27 -27.23
C ASN B 235 18.83 -3.72 -26.29
N GLY B 236 19.00 -3.52 -24.98
CA GLY B 236 17.94 -3.87 -24.03
C GLY B 236 18.14 -3.18 -22.69
N VAL B 237 17.77 -3.87 -21.60
CA VAL B 237 17.98 -3.40 -20.24
C VAL B 237 18.60 -4.53 -19.41
N LYS B 238 18.93 -4.17 -18.17
CA LYS B 238 19.49 -5.05 -17.15
C LYS B 238 19.13 -4.57 -15.75
N ALA B 239 19.22 -5.48 -14.76
CA ALA B 239 19.04 -5.10 -13.38
C ALA B 239 19.88 -5.97 -12.46
N HIS B 240 20.30 -5.39 -11.34
CA HIS B 240 21.02 -6.07 -10.26
C HIS B 240 20.27 -5.79 -8.95
N PHE B 241 19.61 -6.77 -8.35
CA PHE B 241 18.84 -6.53 -7.13
C PHE B 241 18.91 -7.72 -6.19
N GLU B 242 18.36 -7.53 -4.98
CA GLU B 242 18.56 -8.42 -3.84
C GLU B 242 17.19 -8.78 -3.26
N ILE B 243 16.86 -10.07 -3.24
CA ILE B 243 15.70 -10.58 -2.54
C ILE B 243 16.16 -11.12 -1.20
N ARG B 244 15.59 -10.62 -0.07
CA ARG B 244 15.87 -11.16 1.28
C ARG B 244 14.73 -12.08 1.74
N HIS B 245 14.89 -13.39 1.63
CA HIS B 245 13.77 -14.32 1.77
C HIS B 245 13.58 -14.61 3.26
N ASN B 246 12.39 -14.35 3.83
CA ASN B 246 12.09 -14.64 5.23
C ASN B 246 12.17 -16.14 5.52
N LEU B 247 12.91 -16.48 6.60
CA LEU B 247 13.00 -17.85 7.12
C LEU B 247 12.05 -17.99 8.30
N GLU B 248 11.69 -19.25 8.57
CA GLU B 248 10.71 -19.63 9.58
C GLU B 248 11.12 -19.21 11.00
N ASP B 249 12.41 -18.84 11.24
CA ASP B 249 12.92 -18.29 12.50
C ASP B 249 13.17 -16.78 12.47
N GLY B 250 12.73 -16.06 11.42
CA GLY B 250 12.95 -14.61 11.36
C GLY B 250 14.31 -14.17 10.83
N SER B 251 15.22 -15.11 10.49
CA SER B 251 16.47 -14.82 9.79
C SER B 251 16.19 -14.78 8.28
N VAL B 252 17.26 -14.61 7.46
CA VAL B 252 17.10 -14.29 6.04
C VAL B 252 18.00 -15.15 5.14
N GLN B 253 17.44 -15.63 4.02
CA GLN B 253 18.20 -16.25 2.97
C GLN B 253 18.23 -15.24 1.85
N LEU B 254 19.44 -14.76 1.60
CA LEU B 254 19.67 -13.78 0.54
C LEU B 254 19.65 -14.45 -0.85
N ALA B 255 18.89 -13.90 -1.81
CA ALA B 255 18.99 -14.31 -3.22
C ALA B 255 19.39 -13.11 -4.09
N ASP B 256 20.65 -13.11 -4.53
CA ASP B 256 21.24 -12.07 -5.37
C ASP B 256 20.80 -12.26 -6.82
N HIS B 257 19.98 -11.32 -7.37
CA HIS B 257 19.47 -11.44 -8.74
C HIS B 257 20.29 -10.57 -9.70
N TYR B 258 20.60 -11.15 -10.88
CA TYR B 258 21.19 -10.46 -12.01
C TYR B 258 20.30 -10.71 -13.23
N GLN B 259 19.88 -9.65 -13.92
CA GLN B 259 18.81 -9.74 -14.92
C GLN B 259 19.25 -9.04 -16.21
N GLN B 260 18.92 -9.63 -17.37
CA GLN B 260 18.91 -8.89 -18.64
C GLN B 260 17.70 -9.24 -19.47
N ASN B 261 17.29 -8.28 -20.31
CA ASN B 261 16.11 -8.27 -21.16
C ASN B 261 16.56 -7.75 -22.54
N THR B 262 16.29 -8.54 -23.57
CA THR B 262 16.79 -8.38 -24.92
C THR B 262 15.59 -8.65 -25.80
N PRO B 263 15.25 -7.77 -26.77
CA PRO B 263 14.09 -7.99 -27.65
C PRO B 263 14.28 -9.21 -28.56
N ILE B 264 13.15 -9.88 -28.79
CA ILE B 264 13.02 -10.98 -29.72
C ILE B 264 13.06 -10.43 -31.14
N GLY B 265 12.37 -9.31 -31.46
CA GLY B 265 12.38 -8.75 -32.81
C GLY B 265 13.65 -7.95 -33.14
N ASP B 266 13.74 -7.45 -34.37
CA ASP B 266 14.82 -6.60 -34.88
C ASP B 266 14.51 -5.11 -34.85
N GLY B 267 13.23 -4.73 -34.99
CA GLY B 267 12.83 -3.34 -35.04
C GLY B 267 13.21 -2.57 -33.78
N PRO B 268 13.13 -1.21 -33.83
CA PRO B 268 13.62 -0.37 -32.74
C PRO B 268 12.86 -0.57 -31.42
N VAL B 269 13.58 -0.49 -30.30
CA VAL B 269 12.96 -0.43 -28.97
C VAL B 269 13.39 0.88 -28.30
N LEU B 270 12.70 1.19 -27.17
CA LEU B 270 13.03 2.33 -26.34
C LEU B 270 14.22 1.86 -25.50
N LEU B 271 15.38 2.49 -25.72
CA LEU B 271 16.45 2.43 -24.74
C LEU B 271 16.07 3.41 -23.65
N PRO B 272 15.54 2.92 -22.49
CA PRO B 272 15.02 3.85 -21.50
C PRO B 272 16.16 4.57 -20.79
N ASP B 273 15.88 5.80 -20.37
CA ASP B 273 16.54 6.39 -19.23
C ASP B 273 16.40 5.44 -18.03
N ASN B 274 17.44 5.45 -17.18
CA ASN B 274 17.45 4.83 -15.86
C ASN B 274 16.17 5.12 -15.08
N HIS B 275 15.66 4.12 -14.31
CA HIS B 275 14.45 4.28 -13.52
C HIS B 275 14.23 3.07 -12.59
N TYR B 276 13.19 3.15 -11.72
CA TYR B 276 12.82 2.15 -10.75
C TYR B 276 11.49 1.49 -11.05
N LEU B 277 11.42 0.18 -10.81
CA LEU B 277 10.14 -0.50 -10.81
C LEU B 277 9.86 -0.87 -9.36
N ARG B 278 8.78 -0.32 -8.81
CA ARG B 278 8.43 -0.49 -7.41
C ARG B 278 7.35 -1.55 -7.23
N HIS B 279 7.69 -2.62 -6.51
CA HIS B 279 6.88 -3.82 -6.41
C HIS B 279 6.30 -4.00 -4.99
N GLN B 280 5.06 -4.47 -4.88
CA GLN B 280 4.53 -5.18 -3.71
C GLN B 280 3.95 -6.49 -4.20
N SER B 281 4.19 -7.60 -3.47
CA SER B 281 3.67 -8.92 -3.82
C SER B 281 3.02 -9.66 -2.63
N ALA B 282 1.83 -10.24 -2.88
CA ALA B 282 1.09 -11.11 -1.94
C ALA B 282 1.02 -12.54 -2.48
N LEU B 283 1.34 -13.49 -1.60
CA LEU B 283 1.24 -14.92 -1.85
C LEU B 283 0.02 -15.47 -1.12
N SER B 284 -0.70 -16.41 -1.73
CA SER B 284 -1.91 -16.97 -1.12
C SER B 284 -2.17 -18.34 -1.72
N LYS B 285 -3.13 -19.02 -1.09
CA LYS B 285 -3.53 -20.36 -1.49
C LYS B 285 -5.02 -20.36 -1.83
N ASP B 286 -5.42 -21.24 -2.74
CA ASP B 286 -6.79 -21.47 -3.15
C ASP B 286 -7.35 -22.64 -2.32
N PRO B 287 -8.38 -22.44 -1.44
CA PRO B 287 -8.85 -23.52 -0.56
C PRO B 287 -9.38 -24.79 -1.22
N ASN B 288 -9.79 -24.74 -2.49
CA ASN B 288 -10.24 -25.94 -3.21
C ASN B 288 -9.15 -26.51 -4.10
N GLU B 289 -7.89 -26.05 -3.96
CA GLU B 289 -6.83 -26.58 -4.81
C GLU B 289 -6.06 -27.63 -4.01
N LYS B 290 -6.13 -28.88 -4.44
CA LYS B 290 -5.36 -29.93 -3.77
C LYS B 290 -4.08 -30.22 -4.55
N ARG B 291 -3.76 -29.56 -5.67
CA ARG B 291 -2.42 -29.63 -6.22
C ARG B 291 -1.49 -28.59 -5.57
N ASP B 292 -0.17 -28.88 -5.51
CA ASP B 292 0.79 -27.96 -4.92
C ASP B 292 0.86 -26.70 -5.79
N HIS B 293 0.71 -25.51 -5.16
CA HIS B 293 0.41 -24.32 -5.96
C HIS B 293 0.70 -23.00 -5.23
N MET B 294 0.69 -21.89 -6.01
CA MET B 294 0.78 -20.53 -5.47
C MET B 294 -0.18 -19.64 -6.26
N VAL B 295 -0.95 -18.83 -5.53
CA VAL B 295 -1.65 -17.69 -6.08
C VAL B 295 -0.73 -16.51 -5.81
N LEU B 296 -0.40 -15.72 -6.84
CA LEU B 296 0.52 -14.58 -6.72
C LEU B 296 -0.13 -13.34 -7.34
N GLN B 297 -0.11 -12.25 -6.58
CA GLN B 297 -0.55 -10.94 -7.03
C GLN B 297 0.61 -9.98 -6.90
N GLU B 298 0.99 -9.25 -7.97
CA GLU B 298 1.96 -8.18 -7.81
C GLU B 298 1.38 -6.82 -8.22
N PHE B 299 1.82 -5.76 -7.51
CA PHE B 299 1.48 -4.37 -7.82
C PHE B 299 2.82 -3.69 -8.12
N VAL B 300 2.97 -3.19 -9.35
CA VAL B 300 4.22 -2.63 -9.84
C VAL B 300 4.02 -1.34 -10.62
N THR B 301 4.85 -0.34 -10.29
CA THR B 301 4.78 0.97 -10.91
C THR B 301 6.19 1.37 -11.33
N ALA B 302 6.30 2.27 -12.31
CA ALA B 302 7.59 2.90 -12.61
C ALA B 302 7.65 4.33 -12.04
N ALA B 303 8.88 4.73 -11.70
CA ALA B 303 9.24 6.10 -11.29
C ALA B 303 10.60 6.48 -11.88
N GLY B 304 10.77 7.76 -12.26
CA GLY B 304 12.06 8.40 -12.34
C GLY B 304 12.55 8.81 -10.96
#